data_4PKD
#
_entry.id   4PKD
#
_cell.length_a   80.220
_cell.length_b   66.600
_cell.length_c   93.730
_cell.angle_alpha   90.00
_cell.angle_beta   110.95
_cell.angle_gamma   90.00
#
_symmetry.space_group_name_H-M   'C 1 2 1'
#
loop_
_entity.id
_entity.type
_entity.pdbx_description
1 polymer 'U1 snRNA stem-loops 1 and 2 (55-MER)'
2 polymer 'U1 small nuclear ribonucleoprotein A,U1 small nuclear ribonucleoprotein 70 kDa'
3 non-polymer 'MAGNESIUM ION'
4 non-polymer IMIDAZOLE
5 water water
#
loop_
_entity_poly.entity_id
_entity_poly.type
_entity_poly.pdbx_seq_one_letter_code
_entity_poly.pdbx_strand_id
1 'polyribonucleotide' (GTP)GAUCCAUUGCACUCCGGAUCCAGGAGAUACCAUGAUCACGAAGGUGGUUUUCCU V
2 'polypeptide(L)'
;GVPETRPNHTIYINNLNEKIKKDELKKSLYAIFSQFGQILDILVSRSLKMRGQAFVIFKEVSSATNALRSMQGFPFYDKP
MRIQYAKTDSDIIAKMKGTFVERDRKREKRGSGSGSGSGSGSGAETREERMERKRREKIERRQQEVETELKMWDPHNDPN
AQGDAFKTLFVARVNYDTTESKLRREFEVYGPIKRIHMVYSKRSGKPRGYAFIEYEHERDMHSAYKHADGKKIDGRRVLV
DVERGRTVKGWRPRRLGGGLGGTRRGGADVNIRHSGRDD
;
B
#
# COMPACT_ATOMS: atom_id res chain seq x y z
N THR B 5 28.01 -21.73 40.62
CA THR B 5 29.14 -21.54 41.55
C THR B 5 30.41 -22.22 41.06
N ARG B 6 30.32 -23.14 40.09
CA ARG B 6 31.48 -23.81 39.58
C ARG B 6 32.01 -23.14 38.29
N PRO B 7 33.37 -22.81 38.25
CA PRO B 7 33.79 -22.03 37.07
C PRO B 7 33.34 -22.42 35.69
N ASN B 8 33.28 -21.44 34.83
CA ASN B 8 32.66 -21.60 33.51
C ASN B 8 33.25 -20.59 32.59
N HIS B 9 33.35 -20.99 31.32
CA HIS B 9 33.59 -20.11 30.20
C HIS B 9 32.70 -18.88 30.09
N THR B 10 31.42 -19.03 30.47
CA THR B 10 30.48 -17.92 30.36
C THR B 10 30.22 -17.34 31.73
N ILE B 11 30.17 -16.03 31.85
CA ILE B 11 29.64 -15.40 33.09
C ILE B 11 28.23 -14.84 32.89
N TYR B 12 27.44 -14.91 33.95
CA TYR B 12 26.09 -14.39 33.94
C TYR B 12 26.07 -13.13 34.77
N ILE B 13 25.51 -12.07 34.17
CA ILE B 13 25.45 -10.76 34.79
C ILE B 13 24.00 -10.37 34.88
N ASN B 14 23.58 -9.93 36.05
CA ASN B 14 22.24 -9.46 36.24
C ASN B 14 22.31 -8.24 37.04
N ASN B 15 21.14 -7.71 37.42
CA ASN B 15 20.97 -6.41 37.99
C ASN B 15 21.42 -5.34 37.03
N LEU B 16 21.23 -5.58 35.71
CA LEU B 16 21.56 -4.52 34.77
C LEU B 16 20.42 -3.52 34.66
N ASN B 17 20.76 -2.26 34.44
CA ASN B 17 19.81 -1.21 34.06
C ASN B 17 19.02 -1.64 32.83
N GLU B 18 17.70 -1.72 33.01
CA GLU B 18 16.77 -2.20 31.97
C GLU B 18 16.43 -1.17 30.91
N LYS B 19 16.73 0.10 31.16
CA LYS B 19 16.43 1.19 30.19
C LYS B 19 17.37 1.20 28.99
N ILE B 20 18.55 0.61 29.11
CA ILE B 20 19.59 0.73 28.12
C ILE B 20 19.28 -0.17 26.95
N LYS B 21 19.46 0.35 25.75
CA LYS B 21 19.11 -0.41 24.55
C LYS B 21 20.19 -1.50 24.33
N LYS B 22 19.76 -2.52 23.62
CA LYS B 22 20.49 -3.78 23.41
C LYS B 22 21.95 -3.59 22.88
N ASP B 23 22.15 -2.87 21.78
CA ASP B 23 23.47 -2.64 21.17
C ASP B 23 24.40 -1.80 22.01
N GLU B 24 23.81 -0.80 22.63
CA GLU B 24 24.56 -0.01 23.60
C GLU B 24 25.09 -0.90 24.72
N LEU B 25 24.21 -1.76 25.21
CA LEU B 25 24.57 -2.57 26.35
C LEU B 25 25.63 -3.59 25.97
N LYS B 26 25.46 -4.25 24.84
CA LYS B 26 26.51 -5.14 24.30
C LYS B 26 27.84 -4.38 24.11
N LYS B 27 27.75 -3.13 23.64
CA LYS B 27 28.93 -2.33 23.34
C LYS B 27 29.70 -2.06 24.64
N SER B 28 29.00 -1.49 25.60
CA SER B 28 29.60 -1.10 26.88
C SER B 28 30.08 -2.32 27.70
N LEU B 29 29.40 -3.46 27.59
CA LEU B 29 29.93 -4.69 28.23
C LEU B 29 31.23 -5.17 27.57
N TYR B 30 31.30 -5.07 26.23
CA TYR B 30 32.55 -5.40 25.48
C TYR B 30 33.76 -4.56 25.92
N ALA B 31 33.53 -3.27 26.04
CA ALA B 31 34.57 -2.35 26.47
C ALA B 31 35.12 -2.74 27.80
N ILE B 32 34.23 -2.93 28.76
CA ILE B 32 34.60 -3.23 30.13
C ILE B 32 35.27 -4.61 30.23
N PHE B 33 34.74 -5.59 29.56
CA PHE B 33 35.13 -6.98 29.83
C PHE B 33 36.17 -7.55 28.96
N SER B 34 36.54 -6.88 27.88
CA SER B 34 37.67 -7.36 27.03
C SER B 34 38.97 -7.20 27.77
N GLN B 35 38.99 -6.27 28.74
CA GLN B 35 40.19 -6.00 29.49
C GLN B 35 40.69 -7.28 30.13
N PHE B 36 39.84 -8.31 30.25
CA PHE B 36 40.20 -9.52 30.94
C PHE B 36 40.47 -10.69 30.05
N GLY B 37 40.26 -10.53 28.75
CA GLY B 37 40.41 -11.66 27.88
C GLY B 37 39.59 -11.58 26.63
N GLN B 38 39.83 -12.55 25.76
CA GLN B 38 39.19 -12.67 24.49
C GLN B 38 37.71 -13.08 24.67
N ILE B 39 36.82 -12.30 24.11
CA ILE B 39 35.39 -12.56 24.21
C ILE B 39 34.88 -13.11 22.87
N LEU B 40 34.17 -14.23 22.94
CA LEU B 40 33.57 -14.84 21.76
C LEU B 40 32.25 -14.21 21.53
N ASP B 41 31.51 -13.87 22.60
CA ASP B 41 30.19 -13.25 22.39
C ASP B 41 29.59 -12.69 23.67
N ILE B 42 28.71 -11.71 23.49
CA ILE B 42 27.91 -11.16 24.52
C ILE B 42 26.43 -11.28 24.10
N LEU B 43 25.64 -12.03 24.87
CA LEU B 43 24.23 -12.22 24.56
C LEU B 43 23.35 -11.41 25.47
N VAL B 44 22.54 -10.55 24.89
CA VAL B 44 21.57 -9.72 25.59
C VAL B 44 20.21 -9.92 24.93
N SER B 45 19.18 -9.98 25.74
CA SER B 45 17.77 -9.85 25.29
C SER B 45 17.04 -8.88 26.16
N ARG B 46 16.03 -8.24 25.62
CA ARG B 46 15.27 -7.28 26.43
C ARG B 46 13.93 -7.77 26.68
N SER B 47 13.70 -9.10 26.47
CA SER B 47 12.42 -9.73 26.73
C SER B 47 12.18 -9.70 28.25
N LEU B 48 10.99 -10.18 28.62
CA LEU B 48 10.52 -10.13 30.01
C LEU B 48 11.40 -11.02 30.88
N LYS B 49 11.64 -12.24 30.43
CA LYS B 49 12.45 -13.18 31.16
C LYS B 49 13.93 -12.71 31.20
N MET B 50 14.43 -12.23 30.04
CA MET B 50 15.89 -11.98 29.88
C MET B 50 16.42 -10.59 30.13
N ARG B 51 15.57 -9.57 30.23
CA ARG B 51 16.05 -8.19 30.53
C ARG B 51 16.80 -8.09 31.84
N GLY B 52 17.75 -7.18 31.88
CA GLY B 52 18.52 -6.96 33.08
C GLY B 52 19.66 -7.94 33.14
N GLN B 53 19.83 -8.84 32.13
CA GLN B 53 20.82 -9.85 32.14
C GLN B 53 21.72 -9.91 30.83
N ALA B 54 22.93 -10.40 30.97
CA ALA B 54 23.83 -10.64 29.93
C ALA B 54 24.68 -11.89 30.22
N PHE B 55 24.99 -12.61 29.18
CA PHE B 55 25.97 -13.67 29.19
C PHE B 55 27.20 -13.13 28.40
N VAL B 56 28.33 -13.09 29.05
CA VAL B 56 29.59 -12.82 28.37
C VAL B 56 30.32 -14.15 28.24
N ILE B 57 30.58 -14.54 27.01
CA ILE B 57 31.32 -15.80 26.74
C ILE B 57 32.82 -15.55 26.43
N PHE B 58 33.68 -15.98 27.29
CA PHE B 58 35.14 -15.87 27.07
C PHE B 58 35.72 -17.16 26.49
N LYS B 59 36.85 -17.02 25.78
CA LYS B 59 37.61 -18.17 25.25
C LYS B 59 38.19 -19.06 26.35
N GLU B 60 38.67 -18.44 27.42
CA GLU B 60 39.25 -19.17 28.53
C GLU B 60 38.46 -18.95 29.80
N VAL B 61 38.30 -20.03 30.58
CA VAL B 61 37.69 -19.97 31.87
C VAL B 61 38.45 -19.05 32.82
N SER B 62 39.75 -18.95 32.69
CA SER B 62 40.60 -18.12 33.57
C SER B 62 40.30 -16.62 33.45
N SER B 63 40.00 -16.19 32.22
CA SER B 63 39.54 -14.82 31.97
C SER B 63 38.20 -14.55 32.65
N ALA B 64 37.31 -15.54 32.50
CA ALA B 64 35.99 -15.56 33.16
C ALA B 64 36.12 -15.44 34.67
N THR B 65 36.97 -16.28 35.23
CA THR B 65 37.19 -16.25 36.67
C THR B 65 37.76 -14.88 37.10
N ASN B 66 38.68 -14.33 36.32
CA ASN B 66 39.27 -13.03 36.69
C ASN B 66 38.24 -11.91 36.47
N ALA B 67 37.45 -12.00 35.40
CA ALA B 67 36.39 -11.02 35.14
C ALA B 67 35.31 -10.98 36.26
N LEU B 68 34.87 -12.19 36.66
CA LEU B 68 33.97 -12.34 37.80
C LEU B 68 34.52 -11.73 39.10
N ARG B 69 35.77 -12.07 39.44
CA ARG B 69 36.41 -11.59 40.69
C ARG B 69 36.54 -10.07 40.74
N SER B 70 36.88 -9.47 39.61
CA SER B 70 37.26 -8.07 39.57
C SER B 70 36.05 -7.23 39.49
N MET B 71 35.09 -7.63 38.66
CA MET B 71 33.92 -6.76 38.38
C MET B 71 32.77 -6.90 39.31
N GLN B 72 32.79 -7.90 40.19
CA GLN B 72 31.71 -8.08 41.16
C GLN B 72 31.36 -6.77 41.93
N GLY B 73 30.16 -6.26 41.77
CA GLY B 73 29.76 -5.01 42.36
C GLY B 73 30.05 -3.73 41.58
N PHE B 74 30.69 -3.86 40.41
CA PHE B 74 31.16 -2.73 39.67
C PHE B 74 29.95 -1.86 39.23
N PRO B 75 30.02 -0.56 39.51
CA PRO B 75 29.04 0.45 39.11
C PRO B 75 28.91 0.50 37.60
N PHE B 76 27.72 0.20 37.13
CA PHE B 76 27.46 0.15 35.71
C PHE B 76 26.13 0.71 35.43
N TYR B 77 26.09 1.86 34.74
CA TYR B 77 24.87 2.66 34.53
C TYR B 77 24.05 2.85 35.81
N ASP B 78 24.74 3.25 36.87
CA ASP B 78 24.11 3.62 38.15
C ASP B 78 23.56 2.41 38.92
N LYS B 79 24.17 1.23 38.74
CA LYS B 79 23.68 0.00 39.32
C LYS B 79 24.90 -0.95 39.52
N PRO B 80 25.04 -1.57 40.72
CA PRO B 80 26.12 -2.57 40.85
C PRO B 80 25.89 -3.87 40.08
N MET B 81 26.87 -4.32 39.34
CA MET B 81 26.75 -5.55 38.56
C MET B 81 26.80 -6.75 39.47
N ARG B 82 25.95 -7.71 39.23
CA ARG B 82 26.01 -9.00 39.95
C ARG B 82 26.49 -9.97 38.93
N ILE B 83 27.52 -10.73 39.27
CA ILE B 83 28.10 -11.64 38.33
C ILE B 83 28.24 -12.99 38.98
N GLN B 84 27.91 -14.05 38.21
CA GLN B 84 28.13 -15.46 38.55
C GLN B 84 28.67 -16.17 37.34
N TYR B 85 29.12 -17.38 37.53
CA TYR B 85 29.31 -18.25 36.35
C TYR B 85 27.96 -18.69 35.82
N ALA B 86 27.84 -18.86 34.51
CA ALA B 86 26.68 -19.53 33.91
C ALA B 86 26.56 -20.96 34.49
N LYS B 87 25.34 -21.39 34.77
CA LYS B 87 25.02 -22.77 35.23
C LYS B 87 25.36 -23.81 34.17
N THR B 88 25.25 -23.44 32.91
CA THR B 88 25.44 -24.39 31.82
C THR B 88 26.30 -23.79 30.75
N ASP B 89 26.95 -24.63 29.97
CA ASP B 89 27.83 -24.19 28.91
C ASP B 89 27.05 -23.48 27.83
N SER B 90 27.66 -22.44 27.27
CA SER B 90 27.03 -21.74 26.17
C SER B 90 27.23 -22.61 24.95
N ASP B 91 26.21 -22.65 24.10
CA ASP B 91 26.17 -23.56 22.93
C ASP B 91 27.48 -23.59 22.14
N ILE B 92 28.05 -22.43 21.88
CA ILE B 92 29.34 -22.35 21.18
C ILE B 92 30.54 -22.91 21.96
N ILE B 93 30.50 -22.86 23.29
CA ILE B 93 31.47 -23.59 24.09
C ILE B 93 31.28 -25.09 23.94
N ALA B 94 30.02 -25.54 24.12
CA ALA B 94 29.70 -26.97 24.10
C ALA B 94 29.96 -27.66 22.78
N LYS B 95 29.73 -26.93 21.69
CA LYS B 95 30.00 -27.45 20.36
C LYS B 95 31.52 -27.53 20.16
N MET B 96 32.25 -26.56 20.70
CA MET B 96 33.71 -26.59 20.69
C MET B 96 34.25 -27.83 21.42
N LYS B 97 33.65 -28.15 22.55
CA LYS B 97 33.95 -29.37 23.30
C LYS B 97 33.47 -30.73 22.72
N GLY B 98 32.48 -30.71 21.83
CA GLY B 98 31.69 -31.86 21.44
C GLY B 98 30.89 -32.34 22.62
N THR B 99 30.47 -31.43 23.50
CA THR B 99 29.58 -31.77 24.61
C THR B 99 28.16 -31.55 24.21
N PHE B 100 27.93 -30.92 23.04
CA PHE B 100 26.64 -30.38 22.72
C PHE B 100 25.58 -31.45 22.46
N VAL B 101 24.45 -31.27 23.11
CA VAL B 101 23.23 -32.03 22.90
C VAL B 101 22.05 -31.04 22.89
N GLU B 102 21.19 -31.13 21.87
CA GLU B 102 20.04 -30.24 21.76
C GLU B 102 19.15 -30.21 23.01
N GLU B 125 5.24 -19.58 2.67
CA GLU B 125 4.88 -18.16 2.35
C GLU B 125 5.19 -17.24 3.53
N THR B 126 6.15 -16.36 3.38
CA THR B 126 6.27 -15.19 4.25
C THR B 126 5.07 -14.22 4.11
N ARG B 127 5.08 -13.17 4.90
CA ARG B 127 4.09 -12.11 4.78
C ARG B 127 4.38 -11.29 3.56
N GLU B 128 5.64 -11.28 3.14
CA GLU B 128 5.96 -10.57 1.94
C GLU B 128 5.60 -11.40 0.74
N GLU B 129 5.51 -12.70 0.89
CA GLU B 129 5.11 -13.55 -0.22
C GLU B 129 3.59 -13.62 -0.31
N ARG B 130 2.90 -13.77 0.82
CA ARG B 130 1.44 -13.86 0.80
C ARG B 130 0.85 -12.56 0.28
N MET B 131 1.45 -11.44 0.65
CA MET B 131 1.02 -10.13 0.16
C MET B 131 1.16 -9.98 -1.34
N GLU B 132 2.35 -10.27 -1.84
CA GLU B 132 2.65 -10.12 -3.25
C GLU B 132 1.74 -11.02 -4.08
N ARG B 133 1.50 -12.24 -3.61
CA ARG B 133 0.62 -13.14 -4.32
C ARG B 133 -0.82 -12.59 -4.44
N LYS B 134 -1.28 -11.99 -3.34
CA LYS B 134 -2.65 -11.47 -3.28
C LYS B 134 -2.95 -10.32 -4.23
N ARG B 135 -2.02 -9.38 -4.38
CA ARG B 135 -2.13 -8.26 -5.34
C ARG B 135 -2.13 -8.75 -6.75
N ARG B 136 -1.26 -9.71 -6.98
CA ARG B 136 -1.08 -10.32 -8.28
C ARG B 136 -2.37 -10.94 -8.76
N GLU B 137 -3.14 -11.48 -7.84
CA GLU B 137 -4.31 -12.29 -8.18
C GLU B 137 -5.46 -11.41 -8.40
N LYS B 138 -5.54 -10.36 -7.60
CA LYS B 138 -6.60 -9.39 -7.71
C LYS B 138 -6.51 -8.73 -9.10
N ILE B 139 -5.30 -8.26 -9.44
CA ILE B 139 -5.06 -7.70 -10.74
C ILE B 139 -5.54 -8.66 -11.89
N GLU B 140 -5.08 -9.89 -11.85
CA GLU B 140 -5.41 -10.92 -12.87
C GLU B 140 -6.85 -11.25 -12.92
N ARG B 141 -7.39 -11.49 -11.75
CA ARG B 141 -8.85 -11.64 -11.54
C ARG B 141 -9.66 -10.50 -12.16
N ARG B 142 -9.21 -9.29 -11.89
CA ARG B 142 -9.74 -8.04 -12.54
C ARG B 142 -9.74 -7.99 -14.07
N GLN B 143 -8.60 -8.34 -14.65
CA GLN B 143 -8.42 -8.39 -16.10
C GLN B 143 -9.37 -9.40 -16.75
N GLN B 144 -9.53 -10.54 -16.10
CA GLN B 144 -10.48 -11.53 -16.59
C GLN B 144 -11.90 -11.04 -16.49
N GLU B 145 -12.22 -10.29 -15.44
CA GLU B 145 -13.56 -9.73 -15.26
C GLU B 145 -13.88 -8.76 -16.38
N VAL B 146 -12.92 -7.90 -16.67
CA VAL B 146 -13.01 -6.87 -17.68
C VAL B 146 -13.12 -7.50 -19.07
N GLU B 147 -12.38 -8.55 -19.28
CA GLU B 147 -12.41 -9.29 -20.57
C GLU B 147 -13.80 -9.86 -20.82
N THR B 148 -14.36 -10.44 -19.81
CA THR B 148 -15.70 -10.98 -19.85
C THR B 148 -16.79 -9.99 -20.06
N GLU B 149 -16.72 -8.85 -19.37
CA GLU B 149 -17.68 -7.78 -19.59
C GLU B 149 -17.63 -7.26 -21.00
N LEU B 150 -16.40 -7.17 -21.48
CA LEU B 150 -16.07 -6.59 -22.76
C LEU B 150 -16.84 -7.23 -23.91
N LYS B 151 -17.02 -8.53 -23.84
CA LYS B 151 -17.71 -9.25 -24.87
C LYS B 151 -19.19 -9.30 -24.64
N MET B 152 -19.66 -8.80 -23.52
CA MET B 152 -21.04 -8.42 -23.35
C MET B 152 -21.37 -7.00 -23.86
N TRP B 153 -20.36 -6.25 -24.25
CA TRP B 153 -20.52 -4.83 -24.44
C TRP B 153 -20.63 -4.61 -25.92
N ASP B 154 -21.74 -4.06 -26.34
CA ASP B 154 -21.95 -3.80 -27.70
C ASP B 154 -22.99 -2.70 -27.83
N PRO B 155 -22.55 -1.47 -27.97
CA PRO B 155 -23.47 -0.28 -28.02
C PRO B 155 -24.31 -0.19 -29.25
N HIS B 156 -23.92 -0.88 -30.33
CA HIS B 156 -24.78 -1.04 -31.54
C HIS B 156 -26.04 -1.93 -31.27
N ASN B 157 -26.08 -2.56 -30.12
CA ASN B 157 -27.14 -3.46 -29.76
C ASN B 157 -27.76 -3.02 -28.48
N ASP B 158 -27.50 -1.78 -28.07
CA ASP B 158 -28.01 -1.22 -26.87
C ASP B 158 -29.28 -0.44 -27.31
N PRO B 159 -30.49 -0.66 -26.65
CA PRO B 159 -31.70 0.08 -27.13
C PRO B 159 -31.69 1.56 -26.83
N ASN B 160 -30.92 1.91 -25.81
CA ASN B 160 -30.60 3.32 -25.53
C ASN B 160 -29.83 4.11 -26.53
N ALA B 161 -28.98 3.46 -27.35
CA ALA B 161 -28.13 4.19 -28.32
C ALA B 161 -28.83 4.19 -29.67
N GLN B 162 -29.37 5.31 -30.10
CA GLN B 162 -30.15 5.42 -31.34
C GLN B 162 -29.65 6.50 -32.26
N GLY B 163 -30.09 6.40 -33.50
CA GLY B 163 -29.83 7.46 -34.50
C GLY B 163 -28.39 7.56 -34.93
N ASP B 164 -28.07 8.69 -35.51
CA ASP B 164 -26.79 8.87 -36.09
C ASP B 164 -25.79 9.24 -34.99
N ALA B 165 -24.89 8.27 -34.75
CA ALA B 165 -23.71 8.50 -33.88
C ALA B 165 -22.92 9.72 -34.25
N PHE B 166 -22.77 9.94 -35.56
CA PHE B 166 -22.07 11.12 -36.10
C PHE B 166 -22.77 12.39 -35.91
N LYS B 167 -24.05 12.36 -35.62
CA LYS B 167 -24.74 13.63 -35.17
C LYS B 167 -24.92 13.74 -33.65
N THR B 168 -24.27 12.84 -32.92
CA THR B 168 -24.43 12.80 -31.45
C THR B 168 -23.29 13.42 -30.64
N LEU B 169 -23.63 14.29 -29.74
CA LEU B 169 -22.79 14.92 -28.79
C LEU B 169 -22.81 14.11 -27.47
N PHE B 170 -21.72 14.17 -26.73
CA PHE B 170 -21.56 13.53 -25.43
C PHE B 170 -21.25 14.66 -24.50
N VAL B 171 -22.02 14.77 -23.42
CA VAL B 171 -21.86 15.83 -22.42
C VAL B 171 -21.70 15.13 -21.09
N ALA B 172 -20.60 15.35 -20.35
CA ALA B 172 -20.38 14.81 -19.03
C ALA B 172 -20.15 15.91 -18.05
N ARG B 173 -19.98 15.55 -16.78
CA ARG B 173 -19.69 16.44 -15.66
C ARG B 173 -20.86 17.35 -15.34
N VAL B 174 -22.06 16.91 -15.73
CA VAL B 174 -23.23 17.70 -15.53
C VAL B 174 -23.58 17.75 -13.98
N ASN B 175 -24.12 18.88 -13.49
CA ASN B 175 -24.73 18.88 -12.24
C ASN B 175 -25.87 17.80 -12.18
N TYR B 176 -25.91 17.01 -11.13
CA TYR B 176 -26.99 16.03 -10.95
C TYR B 176 -28.36 16.73 -10.88
N ASP B 177 -28.39 17.99 -10.43
CA ASP B 177 -29.59 18.79 -10.41
C ASP B 177 -30.08 19.34 -11.73
N THR B 178 -29.18 19.59 -12.67
CA THR B 178 -29.57 20.02 -13.99
C THR B 178 -30.65 19.15 -14.63
N THR B 179 -31.69 19.77 -15.14
CA THR B 179 -32.81 19.04 -15.71
C THR B 179 -32.54 18.83 -17.18
N GLU B 180 -33.25 17.90 -17.79
CA GLU B 180 -33.16 17.69 -19.21
C GLU B 180 -33.59 18.92 -20.01
N SER B 181 -34.53 19.69 -19.47
CA SER B 181 -34.88 20.99 -20.05
C SER B 181 -33.78 22.01 -20.11
N LYS B 182 -33.12 22.25 -19.00
CA LYS B 182 -32.08 23.24 -18.96
C LYS B 182 -30.99 22.89 -20.00
N LEU B 183 -30.70 21.59 -20.06
CA LEU B 183 -29.75 21.05 -20.99
C LEU B 183 -30.18 21.19 -22.40
N ARG B 184 -31.44 20.90 -22.71
CA ARG B 184 -31.93 21.07 -24.07
C ARG B 184 -31.89 22.55 -24.42
N ARG B 185 -32.36 23.40 -23.53
CA ARG B 185 -32.12 24.84 -23.75
C ARG B 185 -30.66 25.30 -24.05
N GLU B 186 -29.72 24.87 -23.25
CA GLU B 186 -28.34 25.30 -23.46
C GLU B 186 -27.76 24.78 -24.83
N PHE B 187 -28.11 23.60 -25.26
CA PHE B 187 -27.50 23.02 -26.41
C PHE B 187 -28.31 23.23 -27.68
N GLU B 188 -29.52 23.76 -27.54
CA GLU B 188 -30.39 24.11 -28.71
C GLU B 188 -29.80 25.26 -29.45
N VAL B 189 -29.04 26.13 -28.76
CA VAL B 189 -28.45 27.30 -29.40
C VAL B 189 -27.61 26.93 -30.64
N TYR B 190 -27.07 25.73 -30.69
CA TYR B 190 -26.22 25.34 -31.74
C TYR B 190 -26.99 24.75 -32.90
N GLY B 191 -28.25 24.40 -32.70
CA GLY B 191 -29.13 23.95 -33.78
C GLY B 191 -30.24 23.06 -33.24
N PRO B 192 -31.27 22.77 -34.04
CA PRO B 192 -32.32 21.81 -33.60
C PRO B 192 -31.79 20.39 -33.14
N ILE B 193 -32.30 19.98 -31.99
CA ILE B 193 -31.98 18.77 -31.33
C ILE B 193 -33.02 17.73 -31.72
N LYS B 194 -32.60 16.60 -32.23
CA LYS B 194 -33.53 15.46 -32.51
C LYS B 194 -33.88 14.70 -31.24
N ARG B 195 -32.93 14.54 -30.32
CA ARG B 195 -33.08 13.67 -29.17
C ARG B 195 -32.04 13.93 -28.03
N ILE B 196 -32.50 13.89 -26.79
CA ILE B 196 -31.65 13.90 -25.60
C ILE B 196 -31.89 12.64 -24.81
N HIS B 197 -30.81 11.97 -24.43
CA HIS B 197 -30.85 10.83 -23.51
C HIS B 197 -29.83 11.08 -22.38
N MET B 198 -30.32 11.55 -21.26
CA MET B 198 -29.53 11.63 -20.00
C MET B 198 -29.44 10.26 -19.37
N VAL B 199 -28.37 10.01 -18.67
CA VAL B 199 -28.13 8.64 -18.21
C VAL B 199 -28.31 8.56 -16.71
N TYR B 200 -29.02 7.53 -16.29
CA TYR B 200 -29.33 7.31 -14.84
C TYR B 200 -28.86 5.93 -14.43
N SER B 201 -28.47 5.76 -13.17
CA SER B 201 -28.19 4.46 -12.66
C SER B 201 -29.40 3.53 -12.80
N LYS B 202 -29.23 2.40 -13.45
CA LYS B 202 -30.23 1.39 -13.48
C LYS B 202 -30.51 0.89 -12.04
N ARG B 203 -29.61 1.15 -11.07
CA ARG B 203 -29.87 0.77 -9.70
C ARG B 203 -30.61 1.81 -8.82
N SER B 204 -29.95 2.88 -8.46
CA SER B 204 -30.54 3.98 -7.70
C SER B 204 -31.53 4.77 -8.50
N GLY B 205 -31.31 4.88 -9.81
CA GLY B 205 -31.96 5.90 -10.64
C GLY B 205 -31.43 7.27 -10.43
N LYS B 206 -30.35 7.45 -9.65
CA LYS B 206 -29.68 8.71 -9.51
C LYS B 206 -29.01 9.10 -10.91
N PRO B 207 -29.06 10.39 -11.33
CA PRO B 207 -28.39 10.71 -12.61
C PRO B 207 -26.91 10.46 -12.56
N ARG B 208 -26.36 9.98 -13.65
CA ARG B 208 -24.89 9.70 -13.75
C ARG B 208 -24.10 10.95 -14.10
N GLY B 209 -24.69 12.13 -14.31
CA GLY B 209 -23.94 13.24 -14.69
C GLY B 209 -23.56 13.34 -16.16
N TYR B 210 -24.24 12.60 -17.05
CA TYR B 210 -23.90 12.64 -18.50
C TYR B 210 -25.03 12.34 -19.41
N ALA B 211 -24.94 12.88 -20.64
CA ALA B 211 -25.97 12.73 -21.60
C ALA B 211 -25.46 12.60 -23.08
N PHE B 212 -26.28 12.02 -23.94
CA PHE B 212 -26.15 12.02 -25.42
C PHE B 212 -27.16 12.89 -26.02
N ILE B 213 -26.76 13.78 -26.92
CA ILE B 213 -27.66 14.74 -27.56
C ILE B 213 -27.43 14.53 -29.05
N GLU B 214 -28.47 14.04 -29.73
CA GLU B 214 -28.45 13.84 -31.17
C GLU B 214 -29.03 15.06 -31.85
N TYR B 215 -28.23 15.64 -32.72
CA TYR B 215 -28.70 16.78 -33.53
C TYR B 215 -29.38 16.28 -34.80
N GLU B 216 -30.27 17.10 -35.39
CA GLU B 216 -30.69 16.91 -36.78
C GLU B 216 -29.54 16.92 -37.77
N HIS B 217 -28.57 17.80 -37.57
CA HIS B 217 -27.50 18.00 -38.58
C HIS B 217 -26.13 17.89 -37.93
N GLU B 218 -25.29 17.14 -38.62
CA GLU B 218 -23.93 17.00 -38.17
C GLU B 218 -23.19 18.32 -37.92
N ARG B 219 -23.46 19.28 -38.79
CA ARG B 219 -22.83 20.58 -38.67
C ARG B 219 -23.02 21.20 -37.30
N ASP B 220 -24.23 21.09 -36.79
CA ASP B 220 -24.62 21.69 -35.48
C ASP B 220 -24.01 21.00 -34.28
N MET B 221 -23.92 19.69 -34.36
CA MET B 221 -23.12 18.94 -33.40
C MET B 221 -21.65 19.45 -33.37
N HIS B 222 -21.07 19.61 -34.54
CA HIS B 222 -19.65 20.08 -34.62
C HIS B 222 -19.50 21.43 -33.98
N SER B 223 -20.55 22.22 -34.08
CA SER B 223 -20.52 23.55 -33.58
C SER B 223 -20.60 23.57 -32.07
N ALA B 224 -21.46 22.73 -31.53
CA ALA B 224 -21.55 22.60 -30.06
C ALA B 224 -20.27 22.11 -29.51
N TYR B 225 -19.70 21.10 -30.16
CA TYR B 225 -18.38 20.57 -29.86
C TYR B 225 -17.26 21.64 -29.76
N LYS B 226 -17.21 22.60 -30.68
CA LYS B 226 -16.17 23.65 -30.69
C LYS B 226 -16.40 24.69 -29.64
N HIS B 227 -17.67 24.98 -29.37
CA HIS B 227 -18.02 26.12 -28.57
C HIS B 227 -18.53 25.90 -27.18
N ALA B 228 -18.99 24.71 -26.87
CA ALA B 228 -19.67 24.46 -25.56
C ALA B 228 -18.82 23.87 -24.50
N ASP B 229 -17.62 23.37 -24.82
CA ASP B 229 -16.77 22.74 -23.86
C ASP B 229 -16.42 23.69 -22.77
N GLY B 230 -16.56 23.26 -21.51
CA GLY B 230 -16.37 24.12 -20.34
C GLY B 230 -17.54 24.97 -19.99
N LYS B 231 -18.61 24.89 -20.78
CA LYS B 231 -19.76 25.70 -20.54
C LYS B 231 -20.30 25.50 -19.13
N LYS B 232 -20.60 26.57 -18.43
CA LYS B 232 -21.13 26.44 -17.10
C LYS B 232 -22.63 26.32 -17.11
N ILE B 233 -23.12 25.19 -16.61
CA ILE B 233 -24.53 24.98 -16.43
C ILE B 233 -24.75 24.62 -15.00
N ASP B 234 -25.69 25.30 -14.35
CA ASP B 234 -25.99 25.15 -12.93
C ASP B 234 -24.74 25.01 -12.03
N GLY B 235 -23.74 25.83 -12.28
CA GLY B 235 -22.61 26.01 -11.42
C GLY B 235 -21.43 25.14 -11.75
N ARG B 236 -21.55 24.26 -12.74
CA ARG B 236 -20.52 23.25 -12.97
C ARG B 236 -20.08 23.35 -14.41
N ARG B 237 -18.78 23.36 -14.64
CA ARG B 237 -18.27 23.36 -15.98
C ARG B 237 -18.47 22.00 -16.60
N VAL B 238 -19.13 21.93 -17.75
CA VAL B 238 -19.42 20.63 -18.34
C VAL B 238 -18.38 20.27 -19.34
N LEU B 239 -18.23 18.97 -19.60
CA LEU B 239 -17.33 18.46 -20.56
C LEU B 239 -18.13 18.07 -21.81
N VAL B 240 -17.60 18.44 -22.95
CA VAL B 240 -18.29 18.23 -24.24
C VAL B 240 -17.39 17.47 -25.15
N ASP B 241 -17.86 16.38 -25.69
CA ASP B 241 -17.16 15.64 -26.71
C ASP B 241 -18.12 15.04 -27.70
N VAL B 242 -17.61 14.38 -28.73
CA VAL B 242 -18.36 13.61 -29.65
C VAL B 242 -18.60 12.25 -29.03
N GLU B 243 -19.62 11.54 -29.50
CA GLU B 243 -19.92 10.21 -29.10
C GLU B 243 -18.86 9.39 -29.76
N ARG B 244 -18.21 8.53 -29.00
CA ARG B 244 -17.13 7.67 -29.48
C ARG B 244 -17.45 6.25 -29.44
N GLY B 245 -18.46 5.85 -28.66
CA GLY B 245 -18.83 4.51 -28.53
C GLY B 245 -19.08 3.93 -29.89
N ARG B 246 -19.82 4.63 -30.71
CA ARG B 246 -20.17 4.07 -32.02
C ARG B 246 -19.40 4.62 -33.20
N THR B 247 -18.38 5.42 -32.93
CA THR B 247 -17.55 6.02 -33.99
C THR B 247 -16.07 5.72 -34.00
N VAL B 248 -15.44 5.44 -32.85
CA VAL B 248 -13.99 5.39 -32.71
C VAL B 248 -13.50 3.93 -32.69
N LYS B 249 -12.55 3.61 -33.60
CA LYS B 249 -12.00 2.24 -33.66
C LYS B 249 -11.34 1.94 -32.32
N GLY B 250 -11.66 0.78 -31.79
CA GLY B 250 -11.13 0.36 -30.54
C GLY B 250 -11.50 1.02 -29.20
N TRP B 251 -12.44 1.96 -29.21
CA TRP B 251 -12.97 2.54 -28.01
C TRP B 251 -13.43 1.57 -26.98
N ARG B 252 -13.05 1.83 -25.74
CA ARG B 252 -13.65 1.16 -24.59
C ARG B 252 -14.03 2.25 -23.62
N PRO B 253 -15.22 2.07 -22.91
CA PRO B 253 -15.43 3.04 -21.84
C PRO B 253 -14.54 2.88 -20.66
N ARG B 254 -14.50 3.86 -19.77
CA ARG B 254 -13.75 3.79 -18.48
C ARG B 254 -13.99 2.53 -17.65
N ARG B 255 -15.23 2.03 -17.59
CA ARG B 255 -15.43 0.83 -16.81
C ARG B 255 -14.80 -0.43 -17.37
N LEU B 256 -14.42 -0.36 -18.64
CA LEU B 256 -13.78 -1.42 -19.26
C LEU B 256 -12.33 -1.05 -19.48
N GLY B 257 -11.77 -0.17 -18.62
CA GLY B 257 -10.34 0.10 -18.72
C GLY B 257 -9.88 1.10 -19.76
N GLY B 258 -10.80 1.89 -20.27
CA GLY B 258 -10.52 2.86 -21.27
C GLY B 258 -10.93 4.17 -20.75
N GLY B 259 -11.61 4.92 -21.58
CA GLY B 259 -12.11 6.19 -21.19
C GLY B 259 -11.18 7.32 -21.52
N LEU B 260 -11.70 8.54 -21.38
CA LEU B 260 -10.93 9.76 -21.41
C LEU B 260 -11.07 10.57 -20.13
N GLY B 261 -10.15 11.53 -19.97
CA GLY B 261 -10.07 12.40 -18.84
C GLY B 261 -9.03 11.89 -17.85
N GLY B 262 -8.60 12.77 -16.96
CA GLY B 262 -7.45 12.44 -16.14
C GLY B 262 -7.55 12.96 -14.78
N THR B 263 -8.77 13.10 -14.23
CA THR B 263 -8.90 13.61 -12.92
C THR B 263 -8.29 12.68 -11.93
N ARG B 264 -8.31 11.39 -12.18
CA ARG B 264 -7.88 10.38 -11.19
C ARG B 264 -6.79 9.48 -11.77
N ARG B 265 -5.84 10.07 -12.47
CA ARG B 265 -4.62 9.38 -12.91
C ARG B 265 -3.69 9.02 -11.77
N GLY B 266 -3.56 9.89 -10.75
CA GLY B 266 -2.93 9.48 -9.45
C GLY B 266 -2.85 10.60 -8.36
#